data_1A3Q
#
_entry.id   1A3Q
#
_cell.length_a   44.200
_cell.length_b   121.000
_cell.length_c   134.900
_cell.angle_alpha   90.00
_cell.angle_beta   90.00
_cell.angle_gamma   90.00
#
_symmetry.space_group_name_H-M   'P 21 21 21'
#
loop_
_entity.id
_entity.type
_entity.pdbx_description
1 polymer "DNA (5'-D(*GP*GP*GP*GP*AP*AP*TP*CP*CP*CP*C)-3')"
2 polymer "DNA (5'-D(*GP*GP*GP*GP*AP*TP*TP*CP*CP*CP*C)-3')"
3 polymer 'PROTEIN (NUCLEAR FACTOR KAPPA-B P52)'
4 water water
#
loop_
_entity_poly.entity_id
_entity_poly.type
_entity_poly.pdbx_seq_one_letter_code
_entity_poly.pdbx_strand_id
1 'polydeoxyribonucleotide' (DG)(DG)(DG)(DG)(DA)(DA)(DT)(DC)(DC)(DC)(DC) C
2 'polydeoxyribonucleotide' (DG)(DG)(DG)(DG)(DA)(DT)(DT)(DC)(DC)(DC)(DC) D
3 'polypeptide(L)'
;GPYLVIVEQPKQRGFRFRYGCEGPSHGGLPGASSEKGRKTYPTVKICNYEGPAKIEVDLVTHSDPPRAHAHSLVGKQCSE
LGICAVSVGPKDMTAQFNNLGVLHVTKKNMMGTMIQKLQRQRLRSRPQGLTEAEQRELEQEAKELKKVMDLSIVRLRFSA
FLRSLPLKPVISQPIHDSKSPGASNLKISRMDKTAGSVRGGDEVYLLCDKVQKDDIEVRFYEDDENGWQAFGDFSPTDVH
KQYAIVFRTPPYHKMKIERPVTVFLQLKRKRGGDVSDSKQFTYYP
;
A,B
#
loop_
_chem_comp.id
_chem_comp.type
_chem_comp.name
_chem_comp.formula
DA DNA linking 2'-DEOXYADENOSINE-5'-MONOPHOSPHATE 'C10 H14 N5 O6 P'
DC DNA linking 2'-DEOXYCYTIDINE-5'-MONOPHOSPHATE 'C9 H14 N3 O7 P'
DG DNA linking 2'-DEOXYGUANOSINE-5'-MONOPHOSPHATE 'C10 H14 N5 O7 P'
DT DNA linking THYMIDINE-5'-MONOPHOSPHATE 'C10 H15 N2 O8 P'
#
# COMPACT_ATOMS: atom_id res chain seq x y z
N GLY C 1 -11.83 36.97 -33.88
CA GLY C 1 -12.36 35.63 -34.27
C GLY C 1 -12.59 34.71 -33.07
N PRO C 2 -13.38 33.62 -33.19
CA PRO C 2 -13.71 32.65 -32.14
C PRO C 2 -12.56 31.82 -31.55
N TYR C 3 -12.55 31.75 -30.22
CA TYR C 3 -11.54 30.99 -29.48
C TYR C 3 -12.16 30.38 -28.23
N LEU C 4 -11.62 29.25 -27.78
CA LEU C 4 -12.08 28.59 -26.55
C LEU C 4 -11.19 29.06 -25.39
N VAL C 5 -11.76 29.15 -24.19
CA VAL C 5 -11.01 29.59 -23.02
C VAL C 5 -11.48 28.79 -21.83
N ILE C 6 -10.52 28.36 -21.00
CA ILE C 6 -10.83 27.57 -19.79
C ILE C 6 -11.34 28.53 -18.71
N VAL C 7 -12.66 28.50 -18.45
CA VAL C 7 -13.30 29.33 -17.43
C VAL C 7 -12.95 28.89 -16.00
N GLU C 8 -12.72 27.59 -15.82
CA GLU C 8 -12.34 26.97 -14.55
C GLU C 8 -11.46 25.76 -14.84
N GLN C 9 -10.17 25.85 -14.52
CA GLN C 9 -9.21 24.77 -14.75
C GLN C 9 -9.43 23.54 -13.85
N PRO C 10 -8.87 22.37 -14.23
CA PRO C 10 -9.07 21.21 -13.36
C PRO C 10 -8.16 21.39 -12.12
N LYS C 11 -8.47 20.71 -11.02
CA LYS C 11 -7.65 20.83 -9.81
C LYS C 11 -6.39 20.04 -10.03
N GLN C 12 -5.24 20.72 -9.91
CA GLN C 12 -3.92 20.14 -10.12
C GLN C 12 -3.50 18.98 -9.22
N ARG C 13 -4.03 18.97 -8.00
CA ARG C 13 -3.72 17.91 -7.03
C ARG C 13 -4.96 17.40 -6.31
N GLY C 14 -4.83 16.18 -5.79
CA GLY C 14 -5.89 15.58 -5.03
C GLY C 14 -6.84 14.64 -5.76
N PHE C 15 -6.76 14.57 -7.09
CA PHE C 15 -7.64 13.67 -7.85
C PHE C 15 -7.03 12.32 -8.13
N ARG C 16 -7.81 11.28 -7.87
CA ARG C 16 -7.34 9.93 -8.08
C ARG C 16 -7.71 9.36 -9.46
N PHE C 17 -6.71 8.83 -10.14
CA PHE C 17 -6.84 8.17 -11.45
C PHE C 17 -7.25 6.74 -11.08
N ARG C 18 -8.27 6.21 -11.75
CA ARG C 18 -8.75 4.85 -11.45
C ARG C 18 -8.40 3.81 -12.52
N TYR C 19 -8.07 2.60 -12.08
CA TYR C 19 -7.76 1.52 -13.00
C TYR C 19 -9.11 0.97 -13.50
N GLY C 20 -9.10 0.31 -14.66
CA GLY C 20 -10.31 -0.27 -15.21
C GLY C 20 -11.03 -1.21 -14.26
N CYS C 21 -10.28 -1.82 -13.35
CA CYS C 21 -10.84 -2.77 -12.40
C CYS C 21 -11.62 -2.14 -11.23
N GLU C 22 -11.41 -0.86 -10.96
CA GLU C 22 -12.08 -0.24 -9.81
C GLU C 22 -13.57 0.10 -10.00
N GLY C 23 -13.88 0.66 -11.16
CA GLY C 23 -15.25 1.02 -11.45
C GLY C 23 -15.34 2.31 -12.23
N PRO C 24 -16.52 2.60 -12.77
CA PRO C 24 -16.68 3.83 -13.55
C PRO C 24 -17.34 4.98 -12.76
N SER C 25 -17.90 4.68 -11.59
CA SER C 25 -18.59 5.67 -10.76
C SER C 25 -17.83 6.03 -9.48
N HIS C 26 -16.66 6.62 -9.62
CA HIS C 26 -15.86 6.98 -8.49
C HIS C 26 -15.66 8.49 -8.30
N GLY C 27 -16.36 9.28 -9.11
CA GLY C 27 -16.26 10.73 -9.02
C GLY C 27 -15.58 11.39 -10.22
N GLY C 28 -16.07 12.59 -10.56
CA GLY C 28 -15.54 13.34 -11.68
C GLY C 28 -14.43 14.31 -11.34
N LEU C 29 -13.46 14.47 -12.23
CA LEU C 29 -12.35 15.39 -12.06
C LEU C 29 -12.96 16.76 -11.81
N PRO C 30 -12.80 17.30 -10.59
CA PRO C 30 -13.32 18.61 -10.16
C PRO C 30 -12.55 19.87 -10.64
N GLY C 31 -13.12 21.05 -10.43
CA GLY C 31 -12.50 22.30 -10.84
C GLY C 31 -11.47 22.80 -9.86
N ALA C 32 -10.72 23.82 -10.26
CA ALA C 32 -9.69 24.41 -9.41
C ALA C 32 -10.14 24.81 -8.00
N SER C 33 -11.38 25.24 -7.86
CA SER C 33 -11.88 25.64 -6.54
C SER C 33 -13.13 24.85 -6.16
N SER C 34 -12.95 23.77 -5.42
CA SER C 34 -14.09 22.94 -5.02
C SER C 34 -14.10 22.57 -3.54
N GLU C 35 -14.25 23.54 -2.65
CA GLU C 35 -14.28 23.25 -1.21
C GLU C 35 -15.68 22.76 -0.81
N LYS C 36 -15.81 22.27 0.43
CA LYS C 36 -17.07 21.72 0.95
C LYS C 36 -18.41 22.32 0.48
N GLY C 37 -19.35 21.44 0.11
CA GLY C 37 -20.67 21.89 -0.31
C GLY C 37 -20.89 22.44 -1.71
N ARG C 38 -19.90 23.15 -2.26
CA ARG C 38 -20.00 23.72 -3.62
C ARG C 38 -18.79 23.35 -4.48
N LYS C 39 -18.93 22.26 -5.23
CA LYS C 39 -17.88 21.78 -6.10
C LYS C 39 -18.05 22.35 -7.50
N THR C 40 -16.93 22.60 -8.15
CA THR C 40 -16.91 23.10 -9.51
C THR C 40 -16.21 22.00 -10.30
N TYR C 41 -16.39 22.03 -11.63
CA TYR C 41 -15.82 21.05 -12.58
C TYR C 41 -15.12 21.86 -13.66
N PRO C 42 -14.13 21.27 -14.38
CA PRO C 42 -13.47 22.07 -15.42
C PRO C 42 -14.53 22.66 -16.35
N THR C 43 -14.40 23.94 -16.72
CA THR C 43 -15.35 24.64 -17.57
C THR C 43 -14.58 25.44 -18.60
N VAL C 44 -15.14 25.50 -19.80
CA VAL C 44 -14.56 26.20 -20.93
C VAL C 44 -15.68 26.95 -21.65
N LYS C 45 -15.34 27.96 -22.43
CA LYS C 45 -16.35 28.73 -23.11
C LYS C 45 -15.83 29.14 -24.46
N ILE C 46 -16.73 29.16 -25.45
CA ILE C 46 -16.40 29.62 -26.81
C ILE C 46 -16.77 31.10 -26.84
N CYS C 47 -15.77 31.96 -26.67
CA CYS C 47 -15.98 33.41 -26.65
C CYS C 47 -15.95 33.96 -28.07
N ASN C 48 -16.95 34.79 -28.38
CA ASN C 48 -17.12 35.40 -29.71
C ASN C 48 -17.55 34.28 -30.67
N TYR C 49 -18.47 33.46 -30.16
CA TYR C 49 -19.03 32.28 -30.82
C TYR C 49 -19.43 32.42 -32.27
N GLU C 50 -19.25 31.33 -33.03
CA GLU C 50 -19.67 31.29 -34.42
C GLU C 50 -20.33 29.94 -34.63
N GLY C 51 -21.65 29.97 -34.87
CA GLY C 51 -22.45 28.77 -35.07
C GLY C 51 -22.52 27.84 -33.86
N PRO C 52 -23.57 27.00 -33.73
CA PRO C 52 -23.60 26.12 -32.57
C PRO C 52 -22.28 25.34 -32.67
N ALA C 53 -21.73 24.82 -31.58
CA ALA C 53 -20.45 24.12 -31.71
C ALA C 53 -20.29 22.72 -31.14
N LYS C 54 -19.09 22.18 -31.36
CA LYS C 54 -18.73 20.87 -30.89
C LYS C 54 -17.39 20.99 -30.14
N ILE C 55 -17.39 20.61 -28.85
CA ILE C 55 -16.20 20.63 -27.98
C ILE C 55 -15.83 19.18 -27.64
N GLU C 56 -14.54 18.87 -27.75
CA GLU C 56 -14.05 17.54 -27.40
C GLU C 56 -12.84 17.67 -26.45
N VAL C 57 -12.73 16.76 -25.50
CA VAL C 57 -11.62 16.80 -24.56
C VAL C 57 -10.95 15.44 -24.60
N ASP C 58 -9.65 15.42 -24.35
CA ASP C 58 -8.88 14.19 -24.28
C ASP C 58 -7.59 14.46 -23.53
N LEU C 59 -6.99 13.40 -23.02
CA LEU C 59 -5.77 13.51 -22.26
C LEU C 59 -4.48 13.58 -23.07
N VAL C 60 -3.72 14.67 -22.87
CA VAL C 60 -2.43 14.89 -23.54
C VAL C 60 -1.28 14.87 -22.52
N THR C 61 -0.09 14.55 -22.98
CA THR C 61 1.05 14.45 -22.09
C THR C 61 1.37 15.77 -21.43
N HIS C 62 2.14 15.67 -20.35
CA HIS C 62 2.63 16.81 -19.58
C HIS C 62 3.72 17.50 -20.38
N SER C 63 4.40 16.72 -21.21
CA SER C 63 5.47 17.20 -22.08
C SER C 63 4.87 18.24 -23.04
N ASP C 64 5.66 19.27 -23.37
CA ASP C 64 5.16 20.36 -24.19
C ASP C 64 4.37 20.11 -25.44
N PRO C 65 4.99 19.62 -26.55
CA PRO C 65 4.18 19.37 -27.75
C PRO C 65 3.13 18.36 -27.25
N PRO C 66 1.89 18.81 -26.96
CA PRO C 66 0.87 17.90 -26.45
C PRO C 66 0.56 16.72 -27.31
N ARG C 67 1.02 15.55 -26.88
CA ARG C 67 0.71 14.35 -27.62
C ARG C 67 -0.18 13.49 -26.73
N ALA C 68 -1.10 12.76 -27.35
CA ALA C 68 -2.06 11.88 -26.67
C ALA C 68 -1.44 10.99 -25.60
N HIS C 69 -2.08 10.92 -24.44
CA HIS C 69 -1.62 10.09 -23.31
C HIS C 69 -2.19 8.66 -23.42
N ALA C 70 -1.45 7.70 -22.87
CA ALA C 70 -1.89 6.31 -22.87
C ALA C 70 -3.14 6.18 -22.04
N HIS C 71 -3.33 7.09 -21.07
CA HIS C 71 -4.52 7.12 -20.20
C HIS C 71 -5.71 7.69 -21.00
N SER C 72 -6.93 7.24 -20.67
CA SER C 72 -8.13 7.71 -21.34
C SER C 72 -9.18 8.32 -20.39
N LEU C 73 -9.91 9.31 -20.90
CA LEU C 73 -10.96 9.93 -20.10
C LEU C 73 -12.08 8.88 -20.03
N VAL C 74 -12.74 8.83 -18.89
CA VAL C 74 -13.82 7.87 -18.69
C VAL C 74 -15.05 8.66 -18.21
N GLY C 75 -16.26 8.14 -18.45
CA GLY C 75 -17.50 8.81 -18.01
C GLY C 75 -18.50 9.40 -18.97
N LYS C 76 -19.23 10.37 -18.43
CA LYS C 76 -20.30 11.09 -19.17
C LYS C 76 -19.85 11.61 -20.55
N GLN C 77 -20.55 11.18 -21.61
CA GLN C 77 -20.34 11.54 -23.00
C GLN C 77 -18.90 11.28 -23.54
N CYS C 78 -18.20 10.29 -22.98
CA CYS C 78 -16.84 9.93 -23.39
C CYS C 78 -16.91 8.62 -24.19
N SER C 79 -16.22 8.62 -25.28
CA SER C 79 -16.07 7.52 -26.27
C SER C 79 -15.02 6.57 -25.71
N GLU C 80 -15.09 5.36 -26.22
CA GLU C 80 -14.27 4.25 -25.80
C GLU C 80 -12.81 4.39 -26.05
N LEU C 81 -12.40 5.56 -26.50
CA LEU C 81 -10.98 5.80 -26.76
C LEU C 81 -10.45 6.89 -25.83
N GLY C 82 -11.37 7.49 -25.10
CA GLY C 82 -11.03 8.56 -24.15
C GLY C 82 -11.24 9.94 -24.73
N ILE C 83 -12.10 10.08 -25.74
CA ILE C 83 -12.39 11.38 -26.32
C ILE C 83 -13.76 11.71 -25.81
N CYS C 84 -13.94 12.92 -25.30
CA CYS C 84 -15.23 13.37 -24.79
C CYS C 84 -15.69 14.34 -25.88
N ALA C 85 -16.93 14.23 -26.32
CA ALA C 85 -17.43 15.12 -27.35
C ALA C 85 -18.80 15.57 -26.96
N VAL C 86 -18.97 16.89 -26.98
CA VAL C 86 -20.25 17.51 -26.62
C VAL C 86 -20.61 18.62 -27.60
N SER C 87 -21.86 19.05 -27.56
CA SER C 87 -22.31 20.14 -28.41
C SER C 87 -22.75 21.30 -27.51
N VAL C 88 -22.19 22.50 -27.70
CA VAL C 88 -22.62 23.67 -26.92
C VAL C 88 -23.68 24.47 -27.70
N GLY C 89 -24.91 24.47 -27.16
CA GLY C 89 -26.07 25.14 -27.77
C GLY C 89 -25.87 26.43 -28.53
N PRO C 90 -26.89 26.87 -29.30
CA PRO C 90 -26.76 28.11 -30.08
C PRO C 90 -26.63 29.37 -29.21
N LYS C 91 -27.05 29.26 -27.94
CA LYS C 91 -27.00 30.35 -26.98
C LYS C 91 -25.85 30.27 -25.97
N ASP C 92 -26.04 29.48 -24.93
CA ASP C 92 -25.01 29.29 -23.90
C ASP C 92 -23.79 28.58 -24.51
N MET C 93 -22.69 29.32 -24.60
CA MET C 93 -21.47 28.80 -25.18
C MET C 93 -20.47 28.30 -24.14
N THR C 94 -20.96 27.85 -22.99
CA THR C 94 -20.05 27.33 -21.97
C THR C 94 -20.31 25.83 -21.75
N ALA C 95 -19.24 25.07 -21.59
CA ALA C 95 -19.35 23.64 -21.35
C ALA C 95 -18.70 23.31 -20.00
N GLN C 96 -19.50 22.79 -19.09
CA GLN C 96 -19.04 22.39 -17.76
C GLN C 96 -18.94 20.87 -17.78
N PHE C 97 -17.72 20.33 -17.93
CA PHE C 97 -17.51 18.87 -17.98
C PHE C 97 -17.62 18.27 -16.60
N ASN C 98 -18.88 18.04 -16.25
CA ASN C 98 -19.34 17.51 -14.99
C ASN C 98 -18.76 16.16 -14.53
N ASN C 99 -18.63 15.19 -15.43
CA ASN C 99 -18.11 13.90 -14.99
C ASN C 99 -17.00 13.29 -15.81
N LEU C 100 -15.78 13.76 -15.61
CA LEU C 100 -14.63 13.28 -16.35
C LEU C 100 -13.70 12.47 -15.44
N GLY C 101 -13.41 11.22 -15.81
CA GLY C 101 -12.49 10.42 -15.01
C GLY C 101 -11.23 10.14 -15.81
N VAL C 102 -10.24 9.53 -15.18
CA VAL C 102 -9.01 9.17 -15.86
C VAL C 102 -8.83 7.67 -15.63
N LEU C 103 -8.95 6.88 -16.67
CA LEU C 103 -8.77 5.44 -16.56
C LEU C 103 -7.26 5.20 -16.63
N HIS C 104 -6.70 4.63 -15.59
CA HIS C 104 -5.28 4.39 -15.49
C HIS C 104 -4.81 3.11 -16.20
N VAL C 105 -3.94 3.24 -17.19
CA VAL C 105 -3.42 2.06 -17.87
C VAL C 105 -2.33 1.43 -17.01
N THR C 106 -2.29 0.09 -16.99
CA THR C 106 -1.28 -0.62 -16.23
C THR C 106 0.01 -0.49 -17.06
N LYS C 107 1.16 -0.73 -16.46
CA LYS C 107 2.42 -0.65 -17.19
C LYS C 107 2.49 -1.79 -18.23
N LYS C 108 1.73 -2.86 -17.98
CA LYS C 108 1.68 -3.99 -18.87
C LYS C 108 0.62 -3.74 -19.95
N ASN C 109 -0.11 -2.65 -19.78
CA ASN C 109 -1.19 -2.25 -20.68
C ASN C 109 -0.72 -1.21 -21.66
N MET C 110 0.10 -0.31 -21.14
CA MET C 110 0.64 0.83 -21.86
C MET C 110 0.95 0.72 -23.33
N MET C 111 1.75 -0.28 -23.70
CA MET C 111 2.16 -0.52 -25.09
C MET C 111 1.00 -0.77 -26.03
N GLY C 112 0.17 -1.76 -25.69
CA GLY C 112 -1.00 -2.07 -26.49
C GLY C 112 -1.97 -0.90 -26.63
N THR C 113 -2.20 -0.18 -25.53
CA THR C 113 -3.09 0.99 -25.52
C THR C 113 -2.45 2.09 -26.40
N MET C 114 -1.12 2.17 -26.31
CA MET C 114 -0.37 3.11 -27.11
C MET C 114 -0.36 2.77 -28.62
N ILE C 115 -0.04 1.52 -29.03
CA ILE C 115 -0.07 1.22 -30.48
C ILE C 115 -1.48 1.39 -31.05
N GLN C 116 -2.50 1.11 -30.23
CA GLN C 116 -3.89 1.24 -30.63
C GLN C 116 -4.37 2.68 -30.87
N LYS C 117 -3.86 3.63 -30.08
CA LYS C 117 -4.24 5.02 -30.27
C LYS C 117 -3.39 5.61 -31.38
N LEU C 118 -2.21 5.02 -31.60
CA LEU C 118 -1.25 5.48 -32.62
C LEU C 118 -1.66 5.03 -34.02
N GLN C 119 -2.34 3.88 -34.10
CA GLN C 119 -2.86 3.33 -35.36
C GLN C 119 -4.01 4.25 -35.74
N ARG C 120 -4.94 4.38 -34.81
CA ARG C 120 -6.09 5.24 -34.98
C ARG C 120 -5.65 6.62 -35.46
N GLN C 121 -4.52 7.10 -34.96
CA GLN C 121 -4.01 8.39 -35.37
C GLN C 121 -3.52 8.32 -36.82
N ARG C 122 -2.84 7.23 -37.17
CA ARG C 122 -2.31 7.03 -38.53
C ARG C 122 -3.41 7.11 -39.56
N LEU C 123 -4.37 6.22 -39.45
CA LEU C 123 -5.45 6.23 -40.39
C LEU C 123 -6.47 7.30 -40.02
N ARG C 124 -5.99 8.45 -39.56
CA ARG C 124 -6.89 9.55 -39.25
C ARG C 124 -6.87 10.31 -40.56
N SER C 125 -6.22 11.47 -40.58
CA SER C 125 -6.15 12.30 -41.79
C SER C 125 -5.78 11.52 -43.07
N ARG C 126 -4.73 10.70 -42.99
CA ARG C 126 -4.22 9.93 -44.12
C ARG C 126 -5.05 8.62 -44.34
N PRO C 127 -4.78 7.85 -45.44
CA PRO C 127 -5.39 6.58 -45.89
C PRO C 127 -5.58 5.40 -44.92
N GLN C 128 -6.47 4.49 -45.30
CA GLN C 128 -6.90 3.34 -44.50
C GLN C 128 -6.08 2.27 -43.76
N GLY C 129 -4.93 1.85 -44.26
CA GLY C 129 -4.25 0.80 -43.52
C GLY C 129 -2.79 0.91 -43.18
N LEU C 130 -2.28 -0.12 -42.52
CA LEU C 130 -0.89 -0.19 -42.14
C LEU C 130 -0.19 -1.42 -42.72
N THR C 131 0.90 -1.18 -43.45
CA THR C 131 1.69 -2.25 -44.01
C THR C 131 2.53 -2.73 -42.81
N GLU C 132 3.17 -3.88 -42.92
CA GLU C 132 3.98 -4.38 -41.80
C GLU C 132 5.08 -3.44 -41.41
N ALA C 133 5.64 -2.73 -42.38
CA ALA C 133 6.70 -1.79 -42.13
C ALA C 133 6.10 -0.66 -41.31
N GLU C 134 4.90 -0.22 -41.69
CA GLU C 134 4.20 0.87 -41.01
C GLU C 134 3.82 0.43 -39.60
N GLN C 135 3.53 -0.85 -39.42
CA GLN C 135 3.17 -1.37 -38.11
C GLN C 135 4.41 -1.55 -37.24
N ARG C 136 5.53 -1.91 -37.85
CA ARG C 136 6.79 -2.09 -37.12
C ARG C 136 7.27 -0.72 -36.56
N GLU C 137 7.14 0.36 -37.35
CA GLU C 137 7.56 1.69 -36.90
C GLU C 137 6.55 2.39 -35.97
N LEU C 138 5.33 1.89 -35.96
CA LEU C 138 4.25 2.39 -35.12
C LEU C 138 4.57 1.81 -33.74
N GLU C 139 4.98 0.54 -33.70
CA GLU C 139 5.35 -0.11 -32.46
C GLU C 139 6.65 0.51 -31.92
N GLN C 140 7.43 1.14 -32.80
CA GLN C 140 8.66 1.78 -32.39
C GLN C 140 8.37 3.07 -31.64
N GLU C 141 7.29 3.76 -31.98
CA GLU C 141 6.93 4.98 -31.24
C GLU C 141 6.55 4.53 -29.85
N ALA C 142 5.64 3.57 -29.79
CA ALA C 142 5.17 3.03 -28.53
C ALA C 142 6.27 2.76 -27.50
N LYS C 143 7.33 2.06 -27.89
CA LYS C 143 8.40 1.77 -26.93
C LYS C 143 9.13 3.03 -26.50
N GLU C 144 9.51 3.86 -27.48
CA GLU C 144 10.20 5.09 -27.14
C GLU C 144 9.28 6.23 -26.68
N LEU C 145 7.99 5.94 -26.53
CA LEU C 145 7.03 6.92 -26.06
C LEU C 145 6.76 6.54 -24.61
N LYS C 146 6.83 5.24 -24.33
CA LYS C 146 6.62 4.72 -22.98
C LYS C 146 7.73 5.28 -22.09
N LYS C 147 8.99 5.02 -22.48
CA LYS C 147 10.18 5.44 -21.71
C LYS C 147 10.23 6.91 -21.26
N VAL C 148 9.49 7.81 -21.92
CA VAL C 148 9.45 9.23 -21.52
C VAL C 148 8.06 9.76 -21.16
N MET C 149 7.12 8.87 -20.87
CA MET C 149 5.77 9.31 -20.53
C MET C 149 5.46 9.13 -19.05
N ASP C 150 5.05 10.23 -18.42
CA ASP C 150 4.72 10.27 -16.99
C ASP C 150 3.29 9.77 -16.76
N LEU C 151 3.14 8.59 -16.17
CA LEU C 151 1.80 8.07 -15.93
C LEU C 151 1.09 8.70 -14.73
N SER C 152 1.76 9.63 -14.05
CA SER C 152 1.20 10.33 -12.90
C SER C 152 0.67 11.71 -13.22
N ILE C 153 0.98 12.20 -14.41
CA ILE C 153 0.56 13.54 -14.80
C ILE C 153 -0.07 13.59 -16.18
N VAL C 154 -1.26 14.21 -16.27
CA VAL C 154 -1.94 14.37 -17.56
C VAL C 154 -2.43 15.80 -17.67
N ARG C 155 -2.83 16.20 -18.87
CA ARG C 155 -3.37 17.53 -19.09
C ARG C 155 -4.60 17.38 -19.98
N LEU C 156 -5.65 18.12 -19.69
CA LEU C 156 -6.86 18.07 -20.50
C LEU C 156 -6.58 18.93 -21.71
N ARG C 157 -7.06 18.50 -22.88
CA ARG C 157 -6.91 19.27 -24.10
C ARG C 157 -8.31 19.41 -24.67
N PHE C 158 -8.78 20.65 -24.69
CA PHE C 158 -10.09 20.99 -25.22
C PHE C 158 -9.93 21.43 -26.67
N SER C 159 -10.67 20.78 -27.55
CA SER C 159 -10.62 21.08 -28.97
C SER C 159 -12.03 21.49 -29.36
N ALA C 160 -12.22 22.79 -29.61
CA ALA C 160 -13.53 23.30 -29.99
C ALA C 160 -13.69 23.35 -31.53
N PHE C 161 -14.89 23.03 -32.01
CA PHE C 161 -15.19 23.01 -33.45
C PHE C 161 -16.47 23.71 -33.80
N LEU C 162 -16.35 24.70 -34.68
CA LEU C 162 -17.48 25.47 -35.15
C LEU C 162 -18.11 24.66 -36.28
N ARG C 163 -19.34 24.20 -36.05
CA ARG C 163 -20.10 23.42 -37.03
C ARG C 163 -20.17 24.15 -38.40
N SER C 164 -15.78 18.90 -38.86
CA SER C 164 -16.11 20.32 -38.68
C SER C 164 -14.90 21.30 -38.72
N LEU C 165 -15.19 22.57 -38.45
CA LEU C 165 -14.19 23.65 -38.45
C LEU C 165 -13.45 23.76 -37.11
N PRO C 166 -12.11 23.66 -37.12
CA PRO C 166 -11.37 23.77 -35.86
C PRO C 166 -11.14 25.20 -35.37
N LEU C 167 -10.88 25.31 -34.07
CA LEU C 167 -10.54 26.57 -33.37
C LEU C 167 -9.20 26.16 -32.73
N LYS C 168 -8.40 27.10 -32.18
CA LYS C 168 -7.15 26.61 -31.60
C LYS C 168 -7.37 25.79 -30.32
N PRO C 169 -6.64 24.68 -30.16
CA PRO C 169 -6.79 23.83 -28.97
C PRO C 169 -6.13 24.44 -27.73
N VAL C 170 -6.88 24.42 -26.64
CA VAL C 170 -6.45 24.97 -25.36
C VAL C 170 -6.10 23.88 -24.34
N ILE C 171 -4.83 23.83 -23.93
CA ILE C 171 -4.34 22.86 -22.94
C ILE C 171 -4.34 23.38 -21.48
N SER C 172 -4.96 22.62 -20.59
CA SER C 172 -5.03 22.98 -19.19
C SER C 172 -3.72 22.69 -18.47
N GLN C 173 -3.67 23.09 -17.21
CA GLN C 173 -2.50 22.87 -16.38
C GLN C 173 -2.44 21.38 -16.05
N PRO C 174 -1.28 20.87 -15.60
CA PRO C 174 -1.11 19.46 -15.24
C PRO C 174 -2.11 18.95 -14.22
N ILE C 175 -2.35 17.66 -14.19
CA ILE C 175 -3.28 17.06 -13.24
C ILE C 175 -2.50 15.91 -12.66
N HIS C 176 -2.20 15.98 -11.36
CA HIS C 176 -1.43 14.91 -10.76
C HIS C 176 -2.28 13.82 -10.15
N ASP C 177 -1.84 12.59 -10.31
CA ASP C 177 -2.55 11.44 -9.76
C ASP C 177 -2.28 11.42 -8.25
N SER C 178 -3.35 11.55 -7.46
CA SER C 178 -3.24 11.52 -6.00
C SER C 178 -2.76 10.18 -5.49
N LYS C 179 -2.85 9.15 -6.32
CA LYS C 179 -2.40 7.83 -5.91
C LYS C 179 -0.93 7.58 -6.22
N SER C 180 -0.32 8.43 -7.02
CA SER C 180 1.10 8.28 -7.28
C SER C 180 1.71 8.73 -5.96
N PRO C 181 2.61 7.92 -5.37
CA PRO C 181 3.27 8.26 -4.09
C PRO C 181 3.65 9.74 -3.98
N GLY C 182 4.20 10.30 -5.06
CA GLY C 182 4.61 11.70 -5.08
C GLY C 182 3.74 12.76 -5.80
N ALA C 183 2.41 12.72 -5.63
CA ALA C 183 1.58 13.69 -6.32
C ALA C 183 0.38 14.29 -5.61
N SER C 184 0.02 13.78 -4.43
CA SER C 184 -1.16 14.31 -3.75
C SER C 184 -1.04 15.64 -3.02
N ASN C 185 -2.18 16.02 -2.45
CA ASN C 185 -2.37 17.22 -1.66
C ASN C 185 -1.59 17.05 -0.40
N LEU C 186 -0.68 17.99 -0.12
CA LEU C 186 0.10 17.96 1.11
C LEU C 186 -0.93 18.32 2.18
N LYS C 187 -1.12 17.49 3.18
CA LYS C 187 -2.10 17.81 4.21
C LYS C 187 -1.57 17.54 5.62
N ILE C 188 -1.79 18.48 6.53
CA ILE C 188 -1.38 18.31 7.91
C ILE C 188 -2.66 17.85 8.61
N SER C 189 -2.66 16.59 9.05
CA SER C 189 -3.77 15.97 9.75
C SER C 189 -3.83 16.56 11.16
N ARG C 190 -2.76 16.36 11.90
CA ARG C 190 -2.65 16.90 13.24
C ARG C 190 -1.19 16.91 13.71
N MET C 191 -0.93 17.73 14.71
CA MET C 191 0.43 17.80 15.22
C MET C 191 0.45 17.84 16.71
N ASP C 192 1.56 17.35 17.22
CA ASP C 192 1.95 17.25 18.61
C ASP C 192 1.69 18.45 19.49
N LYS C 193 2.37 19.54 19.14
CA LYS C 193 2.31 20.80 19.88
C LYS C 193 2.13 21.93 18.94
N THR C 194 1.53 23.01 19.43
CA THR C 194 1.28 24.23 18.66
C THR C 194 1.94 25.45 19.26
N ALA C 195 2.84 25.22 20.20
CA ALA C 195 3.56 26.32 20.83
C ALA C 195 4.87 25.80 21.34
N GLY C 196 5.85 26.70 21.39
CA GLY C 196 7.17 26.36 21.85
C GLY C 196 7.98 27.62 22.02
N SER C 197 9.18 27.44 22.55
CA SER C 197 10.09 28.55 22.81
C SER C 197 10.60 29.31 21.60
N VAL C 198 10.74 30.61 21.78
CA VAL C 198 11.24 31.49 20.74
C VAL C 198 12.68 31.08 20.34
N ARG C 199 13.33 30.25 21.16
CA ARG C 199 14.70 29.79 20.90
C ARG C 199 14.79 28.73 19.79
N GLY C 200 13.65 28.13 19.45
CA GLY C 200 13.63 27.13 18.40
C GLY C 200 14.37 25.87 18.82
N GLY C 201 13.91 24.71 18.36
CA GLY C 201 14.56 23.48 18.75
C GLY C 201 13.59 22.56 19.46
N ASP C 202 12.33 22.94 19.52
CA ASP C 202 11.30 22.10 20.13
C ASP C 202 10.84 21.05 19.10
N GLU C 203 10.87 19.78 19.51
CA GLU C 203 10.46 18.67 18.65
C GLU C 203 8.93 18.46 18.58
N VAL C 204 8.43 18.53 17.34
CA VAL C 204 7.02 18.36 16.96
C VAL C 204 6.82 17.11 16.07
N TYR C 205 5.80 16.30 16.41
CA TYR C 205 5.39 15.12 15.65
C TYR C 205 4.22 15.62 14.78
N LEU C 206 4.38 15.59 13.46
CA LEU C 206 3.35 16.03 12.55
C LEU C 206 2.81 14.82 11.79
N LEU C 207 1.49 14.63 11.80
CA LEU C 207 0.87 13.53 11.07
C LEU C 207 0.39 14.10 9.75
N CYS C 208 0.77 13.48 8.63
CA CYS C 208 0.38 14.00 7.31
C CYS C 208 -0.09 12.92 6.34
N ASP C 209 -0.56 13.33 5.15
CA ASP C 209 -0.95 12.38 4.12
C ASP C 209 0.36 11.96 3.53
N LYS C 210 0.42 10.87 2.78
CA LYS C 210 1.69 10.40 2.20
C LYS C 210 2.63 11.44 1.58
N VAL C 211 3.86 11.52 2.07
CA VAL C 211 4.83 12.45 1.47
C VAL C 211 6.14 11.75 1.20
N GLN C 212 6.93 12.34 0.31
CA GLN C 212 8.24 11.77 -0.03
C GLN C 212 9.34 12.33 0.88
N LYS C 213 10.08 11.43 1.54
CA LYS C 213 11.17 11.81 2.47
C LYS C 213 12.07 12.93 1.95
N ASP C 214 12.53 12.80 0.72
CA ASP C 214 13.44 13.77 0.18
C ASP C 214 12.85 14.84 -0.69
N ASP C 215 11.53 15.05 -0.63
CA ASP C 215 10.94 16.10 -1.45
C ASP C 215 10.01 17.01 -0.62
N ILE C 216 10.09 16.87 0.69
CA ILE C 216 9.23 17.62 1.58
C ILE C 216 9.96 18.58 2.52
N GLU C 217 9.24 19.59 2.98
CA GLU C 217 9.79 20.57 3.91
C GLU C 217 8.71 21.07 4.85
N VAL C 218 9.11 21.80 5.88
CA VAL C 218 8.20 22.37 6.86
C VAL C 218 8.53 23.85 6.95
N ARG C 219 7.80 24.63 6.16
CA ARG C 219 7.98 26.05 6.03
C ARG C 219 7.24 26.89 7.05
N PHE C 220 7.98 27.59 7.90
CA PHE C 220 7.40 28.48 8.90
C PHE C 220 7.48 29.90 8.28
N TYR C 221 6.52 30.74 8.60
CA TYR C 221 6.52 32.07 8.03
C TYR C 221 5.45 32.91 8.69
N GLU C 222 5.51 34.22 8.44
CA GLU C 222 4.54 35.20 8.93
C GLU C 222 4.58 36.30 7.86
N ASP C 223 3.49 36.47 7.13
CA ASP C 223 3.47 37.46 6.05
C ASP C 223 2.92 38.88 6.39
N ASP C 224 3.82 39.77 6.81
CA ASP C 224 3.51 41.18 7.14
C ASP C 224 3.99 41.97 5.90
N GLU C 225 4.58 43.16 6.08
CA GLU C 225 5.09 43.92 4.92
C GLU C 225 6.60 43.57 4.77
N ASN C 226 6.98 42.49 5.45
CA ASN C 226 8.36 41.98 5.49
C ASN C 226 8.49 40.54 4.92
N GLY C 227 8.07 39.54 5.69
CA GLY C 227 8.12 38.15 5.23
C GLY C 227 9.25 37.25 5.73
N TRP C 228 9.21 36.90 7.01
CA TRP C 228 10.21 35.98 7.62
C TRP C 228 9.83 34.55 7.27
N GLN C 229 10.84 33.73 7.01
CA GLN C 229 10.61 32.32 6.75
C GLN C 229 11.78 31.51 7.31
N ALA C 230 11.47 30.30 7.76
CA ALA C 230 12.45 29.39 8.30
C ALA C 230 11.91 27.98 8.08
N PHE C 231 12.69 26.99 8.47
CA PHE C 231 12.34 25.59 8.22
C PHE C 231 12.48 24.60 9.39
N GLY C 232 11.71 23.52 9.31
CA GLY C 232 11.77 22.46 10.30
C GLY C 232 13.09 21.75 10.12
N ASP C 233 13.54 21.10 11.18
CA ASP C 233 14.80 20.38 11.15
C ASP C 233 14.54 18.88 11.34
N PHE C 234 14.77 18.11 10.30
CA PHE C 234 14.55 16.68 10.34
C PHE C 234 15.35 16.01 9.22
N SER C 235 15.74 14.75 9.41
CA SER C 235 16.47 14.01 8.39
C SER C 235 15.43 13.03 7.81
N PRO C 236 15.73 12.38 6.66
CA PRO C 236 14.75 11.44 6.12
C PRO C 236 14.29 10.35 7.11
N THR C 237 15.14 10.02 8.09
CA THR C 237 14.83 9.02 9.11
C THR C 237 13.70 9.53 9.97
N ASP C 238 13.56 10.86 10.00
CA ASP C 238 12.52 11.53 10.78
C ASP C 238 11.18 11.50 10.11
N VAL C 239 11.16 11.21 8.81
CA VAL C 239 9.91 11.09 8.07
C VAL C 239 9.58 9.59 8.22
N HIS C 240 8.57 9.32 9.04
CA HIS C 240 8.15 7.95 9.35
C HIS C 240 7.10 7.32 8.42
N LYS C 241 7.51 6.29 7.66
CA LYS C 241 6.63 5.54 6.75
C LYS C 241 5.72 6.46 5.90
N GLN C 242 6.28 7.59 5.45
CA GLN C 242 5.61 8.61 4.63
C GLN C 242 4.35 9.28 5.20
N TYR C 243 4.02 9.01 6.46
CA TYR C 243 2.82 9.55 7.10
C TYR C 243 3.03 10.39 8.40
N ALA C 244 4.28 10.60 8.78
CA ALA C 244 4.59 11.36 9.96
C ALA C 244 5.98 11.96 9.76
N ILE C 245 6.16 13.14 10.33
CA ILE C 245 7.42 13.86 10.30
C ILE C 245 7.75 14.32 11.73
N VAL C 246 8.91 13.94 12.24
CA VAL C 246 9.33 14.37 13.57
C VAL C 246 10.39 15.41 13.27
N PHE C 247 10.08 16.66 13.59
CA PHE C 247 11.00 17.74 13.34
C PHE C 247 11.20 18.67 14.54
N ARG C 248 12.32 19.39 14.53
CA ARG C 248 12.65 20.36 15.57
C ARG C 248 12.38 21.77 14.97
N THR C 249 11.52 22.54 15.66
CA THR C 249 11.12 23.87 15.21
C THR C 249 12.32 24.79 14.98
N PRO C 250 12.18 25.77 14.09
CA PRO C 250 13.33 26.65 13.90
C PRO C 250 13.30 27.83 14.92
N PRO C 251 14.43 28.53 15.08
CA PRO C 251 14.39 29.64 16.02
C PRO C 251 13.65 30.84 15.41
N TYR C 252 12.93 31.60 16.24
CA TYR C 252 12.24 32.79 15.76
C TYR C 252 13.28 33.87 15.40
N HIS C 253 12.93 34.81 14.53
CA HIS C 253 13.89 35.84 14.13
C HIS C 253 14.28 36.90 15.18
N LYS C 254 13.52 37.02 16.25
CA LYS C 254 13.82 38.00 17.31
C LYS C 254 13.91 37.27 18.66
N MET C 255 15.12 37.00 19.15
CA MET C 255 15.31 36.31 20.44
C MET C 255 14.73 37.11 21.60
N LYS C 256 14.66 38.43 21.42
CA LYS C 256 14.15 39.31 22.46
C LYS C 256 12.63 39.56 22.44
N ILE C 257 11.79 38.54 22.29
CA ILE C 257 10.36 38.85 22.30
C ILE C 257 9.82 38.87 23.72
N GLU C 258 8.96 39.85 24.00
CA GLU C 258 8.39 39.99 25.32
C GLU C 258 6.95 39.47 25.41
N ARG C 259 6.33 39.28 24.25
CA ARG C 259 4.96 38.80 24.19
C ARG C 259 4.91 37.63 23.21
N PRO C 260 4.10 36.58 23.48
CA PRO C 260 4.09 35.49 22.50
C PRO C 260 3.64 35.99 21.10
N VAL C 261 4.19 35.36 20.06
CA VAL C 261 3.88 35.72 18.68
C VAL C 261 3.46 34.47 17.94
N THR C 262 2.39 34.60 17.17
CA THR C 262 1.86 33.50 16.36
C THR C 262 2.39 33.67 14.93
N VAL C 263 2.96 32.58 14.42
CA VAL C 263 3.48 32.50 13.08
C VAL C 263 2.73 31.29 12.50
N PHE C 264 3.08 30.89 11.29
CA PHE C 264 2.41 29.76 10.68
C PHE C 264 3.45 28.77 10.21
N LEU C 265 3.02 27.52 10.03
CA LEU C 265 3.89 26.52 9.46
C LEU C 265 3.04 25.86 8.40
N GLN C 266 3.71 25.20 7.47
CA GLN C 266 3.04 24.53 6.39
C GLN C 266 4.00 23.55 5.81
N LEU C 267 3.45 22.53 5.18
CA LEU C 267 4.26 21.54 4.48
C LEU C 267 4.39 22.15 3.08
N LYS C 268 5.58 21.98 2.51
CA LYS C 268 5.86 22.48 1.18
C LYS C 268 6.68 21.45 0.45
N ARG C 269 6.41 21.34 -0.85
CA ARG C 269 7.11 20.40 -1.72
C ARG C 269 8.35 21.14 -2.25
N LYS C 270 9.51 20.52 -2.15
CA LYS C 270 10.77 21.13 -2.60
C LYS C 270 10.87 21.41 -4.09
N ARG C 271 10.66 20.37 -4.90
CA ARG C 271 10.73 20.50 -6.34
C ARG C 271 9.36 20.86 -6.99
N GLY C 272 8.49 21.50 -6.21
CA GLY C 272 7.19 21.91 -6.71
C GLY C 272 6.75 23.29 -6.20
N GLY C 273 6.71 23.44 -4.88
CA GLY C 273 6.31 24.71 -4.32
C GLY C 273 4.88 24.76 -3.82
N ASP C 274 4.14 23.67 -3.94
CA ASP C 274 2.75 23.62 -3.47
C ASP C 274 2.84 23.36 -1.99
N VAL C 275 1.89 23.93 -1.27
CA VAL C 275 1.87 23.85 0.19
C VAL C 275 0.58 23.23 0.68
N SER C 276 0.60 22.83 1.94
CA SER C 276 -0.58 22.28 2.56
C SER C 276 -1.28 23.45 3.21
N ASP C 277 -2.48 23.23 3.73
CA ASP C 277 -3.19 24.29 4.45
C ASP C 277 -2.32 24.54 5.68
N SER C 278 -2.05 25.80 5.97
CA SER C 278 -1.19 26.17 7.10
C SER C 278 -1.84 26.09 8.47
N LYS C 279 -1.07 25.64 9.45
CA LYS C 279 -1.49 25.54 10.85
C LYS C 279 -0.67 26.63 11.53
N GLN C 280 -1.18 27.17 12.64
CA GLN C 280 -0.50 28.20 13.42
C GLN C 280 0.44 27.59 14.49
N PHE C 281 1.45 28.37 14.86
CA PHE C 281 2.36 27.96 15.90
C PHE C 281 2.72 29.26 16.63
N THR C 282 2.77 29.21 17.95
CA THR C 282 3.06 30.38 18.72
C THR C 282 4.37 30.28 19.47
N TYR C 283 5.20 31.27 19.21
CA TYR C 283 6.48 31.37 19.86
C TYR C 283 6.28 32.04 21.20
N TYR C 284 6.89 31.48 22.25
CA TYR C 284 6.81 32.05 23.59
C TYR C 284 8.22 32.39 24.06
N PRO C 285 8.33 33.37 24.99
CA PRO C 285 9.52 33.93 25.65
C PRO C 285 10.31 32.92 26.53
N GLY D 1 5.61 -48.87 16.79
CA GLY D 1 6.12 -48.79 15.38
C GLY D 1 7.03 -47.61 15.04
N PRO D 2 7.69 -47.63 13.86
CA PRO D 2 8.54 -46.48 13.57
C PRO D 2 7.63 -45.26 13.47
N TYR D 3 8.08 -44.14 14.00
CA TYR D 3 7.28 -42.93 13.92
C TYR D 3 8.21 -41.80 13.59
N LEU D 4 7.66 -40.75 12.99
CA LEU D 4 8.45 -39.58 12.68
C LEU D 4 8.08 -38.61 13.78
N VAL D 5 9.01 -37.72 14.11
CA VAL D 5 8.77 -36.73 15.16
C VAL D 5 9.44 -35.46 14.68
N ILE D 6 8.82 -34.31 14.95
CA ILE D 6 9.44 -33.04 14.57
C ILE D 6 10.40 -32.66 15.73
N VAL D 7 11.68 -32.49 15.42
CA VAL D 7 12.68 -32.14 16.43
C VAL D 7 12.93 -30.63 16.56
N GLU D 8 12.53 -29.87 15.56
CA GLU D 8 12.69 -28.42 15.58
C GLU D 8 11.56 -27.84 14.72
N GLN D 9 10.58 -27.22 15.38
CA GLN D 9 9.43 -26.64 14.68
C GLN D 9 9.75 -25.43 13.83
N PRO D 10 8.93 -25.17 12.79
CA PRO D 10 9.21 -23.99 11.96
C PRO D 10 8.85 -22.78 12.83
N LYS D 11 9.50 -21.64 12.61
CA LYS D 11 9.18 -20.47 13.41
C LYS D 11 7.80 -20.00 13.03
N GLN D 12 6.94 -19.82 14.03
CA GLN D 12 5.56 -19.40 13.87
C GLN D 12 5.31 -17.97 13.25
N ARG D 13 6.17 -17.01 13.57
CA ARG D 13 6.03 -15.62 13.07
C ARG D 13 7.39 -15.10 12.63
N GLY D 14 7.38 -14.13 11.74
CA GLY D 14 8.61 -13.53 11.24
C GLY D 14 8.98 -13.91 9.82
N PHE D 15 8.34 -14.93 9.24
CA PHE D 15 8.65 -15.37 7.87
C PHE D 15 7.59 -14.89 6.86
N ARG D 16 8.04 -14.55 5.66
CA ARG D 16 7.19 -14.02 4.60
C ARG D 16 7.00 -14.94 3.39
N PHE D 17 5.77 -15.03 2.90
CA PHE D 17 5.47 -15.85 1.74
C PHE D 17 5.77 -14.96 0.55
N ARG D 18 6.42 -15.54 -0.45
CA ARG D 18 6.81 -14.80 -1.65
C ARG D 18 5.99 -15.24 -2.85
N TYR D 19 5.65 -14.31 -3.74
CA TYR D 19 4.90 -14.61 -4.97
C TYR D 19 5.88 -15.10 -6.04
N GLY D 20 5.35 -15.68 -7.11
CA GLY D 20 6.23 -16.15 -8.16
C GLY D 20 7.16 -15.05 -8.61
N CYS D 21 6.59 -13.88 -8.91
CA CYS D 21 7.31 -12.69 -9.39
C CYS D 21 8.53 -12.25 -8.59
N GLU D 22 8.61 -12.69 -7.34
CA GLU D 22 9.72 -12.29 -6.52
C GLU D 22 11.05 -13.01 -6.77
N GLY D 23 11.01 -14.33 -6.96
CA GLY D 23 12.24 -15.05 -7.22
C GLY D 23 12.41 -16.19 -6.26
N PRO D 24 13.38 -17.08 -6.48
CA PRO D 24 13.64 -18.23 -5.62
C PRO D 24 14.62 -18.01 -4.45
N SER D 25 15.53 -17.04 -4.56
CA SER D 25 16.53 -16.76 -3.50
C SER D 25 16.08 -15.73 -2.48
N HIS D 26 15.08 -16.03 -1.67
CA HIS D 26 14.62 -15.05 -0.68
C HIS D 26 14.69 -15.42 0.82
N GLY D 27 15.35 -16.55 1.12
CA GLY D 27 15.50 -16.95 2.51
C GLY D 27 14.63 -18.11 2.96
N GLY D 28 15.27 -19.16 3.49
CA GLY D 28 14.57 -20.35 3.93
C GLY D 28 13.91 -20.32 5.30
N LEU D 29 12.68 -20.83 5.37
CA LEU D 29 11.90 -20.90 6.61
C LEU D 29 12.87 -21.38 7.67
N PRO D 30 13.03 -20.60 8.75
CA PRO D 30 13.91 -20.89 9.90
C PRO D 30 13.21 -21.64 11.09
N GLY D 31 14.00 -22.34 11.90
CA GLY D 31 13.46 -23.10 13.02
C GLY D 31 12.87 -22.23 14.11
N ALA D 32 12.14 -22.82 15.04
CA ALA D 32 11.51 -22.05 16.13
C ALA D 32 12.51 -21.34 17.04
N SER D 33 13.81 -21.57 16.85
CA SER D 33 14.84 -20.92 17.66
C SER D 33 16.01 -20.50 16.79
N SER D 34 15.89 -19.33 16.15
CA SER D 34 16.95 -18.91 15.26
C SER D 34 17.37 -17.48 15.49
N GLU D 35 17.98 -17.23 16.65
CA GLU D 35 18.47 -15.90 17.00
C GLU D 35 19.75 -15.55 16.18
N LYS D 36 20.34 -14.38 16.46
CA LYS D 36 21.56 -13.90 15.79
C LYS D 36 22.70 -14.92 15.63
N GLY D 37 23.11 -15.18 14.39
CA GLY D 37 24.19 -16.15 14.16
C GLY D 37 23.81 -17.63 14.17
N ARG D 38 23.12 -18.08 15.22
CA ARG D 38 22.69 -19.48 15.33
C ARG D 38 21.32 -19.65 14.69
N LYS D 39 21.32 -20.03 13.43
CA LYS D 39 20.08 -20.22 12.71
C LYS D 39 19.77 -21.70 12.59
N THR D 40 18.52 -22.03 12.85
CA THR D 40 18.02 -23.39 12.78
C THR D 40 16.98 -23.44 11.65
N TYR D 41 16.66 -24.64 11.19
CA TYR D 41 15.69 -24.86 10.12
C TYR D 41 14.90 -26.06 10.57
N PRO D 42 13.59 -26.13 10.25
CA PRO D 42 12.73 -27.24 10.65
C PRO D 42 13.45 -28.57 10.51
N THR D 43 13.33 -29.43 11.51
CA THR D 43 13.95 -30.73 11.43
C THR D 43 13.06 -31.79 12.07
N VAL D 44 13.14 -32.97 11.47
CA VAL D 44 12.35 -34.11 11.90
C VAL D 44 13.27 -35.33 11.94
N LYS D 45 12.76 -36.42 12.49
CA LYS D 45 13.55 -37.63 12.61
C LYS D 45 12.61 -38.83 12.68
N ILE D 46 13.06 -39.95 12.12
CA ILE D 46 12.30 -41.19 12.13
C ILE D 46 12.86 -41.98 13.31
N CYS D 47 12.02 -42.19 14.32
CA CYS D 47 12.43 -42.91 15.53
C CYS D 47 12.00 -44.37 15.57
N ASN D 48 12.91 -45.22 16.05
CA ASN D 48 12.71 -46.67 16.14
C ASN D 48 12.81 -47.20 14.70
N TYR D 49 13.80 -46.63 14.00
CA TYR D 49 14.13 -46.83 12.59
C TYR D 49 14.10 -48.15 11.91
N GLU D 50 13.38 -48.15 10.79
CA GLU D 50 13.19 -49.32 9.94
C GLU D 50 13.43 -48.93 8.48
N GLY D 51 14.33 -49.67 7.80
CA GLY D 51 14.71 -49.45 6.38
C GLY D 51 15.04 -48.07 5.79
N PRO D 52 16.20 -47.84 5.06
CA PRO D 52 16.51 -46.52 4.48
C PRO D 52 15.21 -45.82 4.07
N ALA D 53 15.00 -44.60 4.58
CA ALA D 53 13.75 -43.90 4.34
C ALA D 53 13.73 -42.68 3.45
N LYS D 54 12.51 -42.22 3.26
CA LYS D 54 12.22 -41.08 2.42
C LYS D 54 11.25 -40.21 3.22
N ILE D 55 11.44 -38.88 3.16
CA ILE D 55 10.56 -37.93 3.83
C ILE D 55 10.08 -36.95 2.78
N GLU D 56 8.78 -36.67 2.79
CA GLU D 56 8.15 -35.74 1.85
C GLU D 56 7.49 -34.63 2.71
N VAL D 57 7.63 -33.39 2.27
CA VAL D 57 7.07 -32.24 2.98
C VAL D 57 6.16 -31.45 2.05
N ASP D 58 4.94 -31.17 2.48
CA ASP D 58 4.07 -30.34 1.65
C ASP D 58 3.25 -29.40 2.54
N LEU D 59 2.68 -28.35 1.96
CA LEU D 59 1.92 -27.37 2.73
C LEU D 59 0.45 -27.67 2.92
N VAL D 60 0.03 -27.86 4.17
CA VAL D 60 -1.37 -28.12 4.44
C VAL D 60 -2.01 -26.87 5.03
N THR D 61 -3.31 -26.93 5.21
CA THR D 61 -4.06 -25.83 5.74
C THR D 61 -3.90 -25.74 7.25
N HIS D 62 -4.54 -24.72 7.81
CA HIS D 62 -4.53 -24.47 9.23
C HIS D 62 -5.73 -25.19 9.85
N SER D 63 -6.84 -25.29 9.12
CA SER D 63 -8.06 -25.98 9.62
C SER D 63 -7.71 -27.44 9.96
N ASP D 64 -8.54 -28.14 10.75
CA ASP D 64 -8.18 -29.50 11.15
C ASP D 64 -8.03 -30.68 10.24
N PRO D 65 -9.09 -31.18 9.55
CA PRO D 65 -8.73 -32.33 8.67
C PRO D 65 -7.72 -31.68 7.69
N PRO D 66 -6.41 -31.93 7.86
CA PRO D 66 -5.45 -31.31 6.95
C PRO D 66 -5.63 -31.57 5.47
N ARG D 67 -5.84 -30.50 4.73
CA ARG D 67 -5.99 -30.62 3.29
C ARG D 67 -4.83 -29.82 2.68
N ALA D 68 -4.44 -30.15 1.45
CA ALA D 68 -3.36 -29.48 0.75
C ALA D 68 -3.78 -28.06 0.47
N HIS D 69 -2.83 -27.15 0.71
CA HIS D 69 -2.98 -25.72 0.55
C HIS D 69 -2.66 -25.29 -0.91
N ALA D 70 -3.17 -24.13 -1.30
CA ALA D 70 -2.93 -23.61 -2.64
C ALA D 70 -1.45 -23.26 -2.80
N HIS D 71 -0.78 -22.94 -1.68
CA HIS D 71 0.64 -22.58 -1.72
C HIS D 71 1.46 -23.82 -1.95
N SER D 72 2.66 -23.58 -2.46
CA SER D 72 3.61 -24.62 -2.76
C SER D 72 4.97 -24.32 -2.15
N LEU D 73 5.70 -25.37 -1.79
CA LEU D 73 7.02 -25.19 -1.22
C LEU D 73 7.98 -25.03 -2.40
N VAL D 74 8.97 -24.16 -2.23
CA VAL D 74 9.95 -23.92 -3.28
C VAL D 74 11.39 -24.03 -2.80
N GLY D 75 12.28 -24.42 -3.71
CA GLY D 75 13.68 -24.52 -3.39
C GLY D 75 14.41 -25.83 -3.41
N LYS D 76 15.31 -25.95 -2.45
CA LYS D 76 16.14 -27.13 -2.25
C LYS D 76 15.27 -28.38 -2.40
N GLN D 77 15.52 -29.13 -3.45
CA GLN D 77 14.78 -30.36 -3.66
C GLN D 77 13.26 -30.27 -3.67
N CYS D 78 12.72 -29.16 -4.17
CA CYS D 78 11.27 -29.02 -4.26
C CYS D 78 10.72 -29.25 -5.67
N SER D 79 9.68 -30.09 -5.79
CA SER D 79 9.07 -30.40 -7.08
C SER D 79 8.19 -29.27 -7.54
N GLU D 80 7.99 -29.18 -8.84
CA GLU D 80 7.18 -28.14 -9.46
C GLU D 80 5.74 -28.10 -8.95
N LEU D 81 5.41 -28.96 -7.99
CA LEU D 81 4.06 -29.02 -7.45
C LEU D 81 4.00 -28.65 -6.01
N GLY D 82 5.14 -28.34 -5.47
CA GLY D 82 5.27 -27.97 -4.06
C GLY D 82 5.53 -29.13 -3.13
N ILE D 83 6.05 -30.26 -3.62
CA ILE D 83 6.35 -31.40 -2.75
C ILE D 83 7.85 -31.41 -2.50
N CYS D 84 8.29 -31.52 -1.25
CA CYS D 84 9.71 -31.61 -0.99
C CYS D 84 9.97 -33.05 -0.60
N ALA D 85 10.87 -33.73 -1.30
CA ALA D 85 11.13 -35.12 -0.96
C ALA D 85 12.60 -35.36 -0.92
N VAL D 86 13.04 -35.90 0.21
CA VAL D 86 14.45 -36.21 0.49
C VAL D 86 14.59 -37.66 0.99
N SER D 87 15.81 -38.16 0.95
CA SER D 87 16.11 -39.50 1.45
C SER D 87 16.82 -39.34 2.81
N VAL D 88 16.44 -40.16 3.80
CA VAL D 88 17.13 -40.13 5.10
C VAL D 88 18.00 -41.36 5.24
N GLY D 89 19.29 -41.15 4.99
CA GLY D 89 20.31 -42.19 5.03
C GLY D 89 20.06 -43.41 5.88
N PRO D 90 20.80 -44.49 5.63
CA PRO D 90 20.66 -45.74 6.38
C PRO D 90 20.78 -45.55 7.88
N LYS D 91 21.80 -44.80 8.30
CA LYS D 91 21.99 -44.59 9.73
C LYS D 91 21.40 -43.32 10.29
N ASP D 92 21.81 -42.17 9.77
CA ASP D 92 21.29 -40.88 10.23
C ASP D 92 19.84 -40.72 9.71
N MET D 93 18.88 -40.85 10.61
CA MET D 93 17.46 -40.77 10.28
C MET D 93 16.84 -39.41 10.55
N THR D 94 17.66 -38.36 10.49
CA THR D 94 17.14 -37.02 10.73
C THR D 94 17.31 -36.16 9.48
N ALA D 95 16.26 -35.40 9.15
CA ALA D 95 16.33 -34.53 7.98
C ALA D 95 16.18 -33.08 8.43
N GLN D 96 17.08 -32.23 7.96
CA GLN D 96 17.05 -30.81 8.29
C GLN D 96 16.59 -30.13 7.03
N PHE D 97 15.49 -29.37 7.10
CA PHE D 97 14.96 -28.65 5.93
C PHE D 97 15.48 -27.22 5.82
N ASN D 98 16.73 -27.18 5.37
CA ASN D 98 17.58 -26.02 5.18
C ASN D 98 16.99 -24.83 4.40
N ASN D 99 16.33 -25.12 3.29
CA ASN D 99 15.80 -24.08 2.44
C ASN D 99 14.35 -24.31 2.03
N LEU D 100 13.41 -23.82 2.84
CA LEU D 100 12.01 -23.94 2.50
C LEU D 100 11.46 -22.56 2.19
N GLY D 101 10.97 -22.38 0.97
CA GLY D 101 10.37 -21.11 0.62
C GLY D 101 8.88 -21.42 0.49
N VAL D 102 8.03 -20.44 0.74
CA VAL D 102 6.61 -20.65 0.62
C VAL D 102 6.14 -19.79 -0.56
N LEU D 103 5.57 -20.45 -1.56
CA LEU D 103 5.10 -19.76 -2.74
C LEU D 103 3.65 -19.32 -2.54
N HIS D 104 3.44 -18.01 -2.71
CA HIS D 104 2.15 -17.37 -2.55
C HIS D 104 1.35 -17.32 -3.85
N VAL D 105 0.29 -18.12 -3.91
CA VAL D 105 -0.57 -18.17 -5.09
C VAL D 105 -1.40 -16.90 -5.07
N THR D 106 -1.68 -16.34 -6.25
CA THR D 106 -2.50 -15.13 -6.29
C THR D 106 -3.97 -15.58 -6.26
N LYS D 107 -4.91 -14.71 -5.90
CA LYS D 107 -6.30 -15.13 -5.87
C LYS D 107 -6.74 -15.51 -7.27
N LYS D 108 -6.26 -14.78 -8.26
CA LYS D 108 -6.57 -15.10 -9.64
C LYS D 108 -5.57 -16.17 -10.07
N ASN D 109 -5.46 -17.24 -9.28
CA ASN D 109 -4.50 -18.31 -9.57
C ASN D 109 -4.88 -19.48 -8.72
N MET D 110 -5.47 -19.16 -7.56
CA MET D 110 -5.87 -20.17 -6.60
C MET D 110 -6.69 -21.23 -7.28
N MET D 111 -7.82 -20.83 -7.83
CA MET D 111 -8.76 -21.70 -8.54
C MET D 111 -7.98 -22.68 -9.45
N GLY D 112 -7.16 -22.13 -10.34
CA GLY D 112 -6.39 -22.93 -11.25
C GLY D 112 -5.51 -23.98 -10.61
N THR D 113 -4.63 -23.57 -9.70
CA THR D 113 -3.72 -24.50 -9.03
C THR D 113 -4.41 -25.39 -7.98
N MET D 114 -5.51 -24.94 -7.44
CA MET D 114 -6.24 -25.72 -6.48
C MET D 114 -6.77 -26.91 -7.25
N ILE D 115 -7.26 -26.66 -8.47
CA ILE D 115 -7.80 -27.73 -9.32
C ILE D 115 -6.66 -28.67 -9.71
N GLN D 116 -5.49 -28.13 -10.06
CA GLN D 116 -4.34 -28.95 -10.47
C GLN D 116 -3.91 -29.85 -9.32
N LYS D 117 -4.18 -29.43 -8.09
CA LYS D 117 -3.81 -30.23 -6.91
C LYS D 117 -4.82 -31.35 -6.71
N LEU D 118 -6.11 -30.99 -6.72
CA LEU D 118 -7.20 -31.95 -6.54
C LEU D 118 -7.21 -32.99 -7.64
N GLN D 119 -6.91 -32.60 -8.89
CA GLN D 119 -6.84 -33.53 -10.03
C GLN D 119 -5.70 -34.46 -9.68
N ARG D 120 -4.52 -33.88 -9.45
CA ARG D 120 -3.33 -34.65 -9.08
C ARG D 120 -3.59 -35.48 -7.84
N GLN D 121 -4.48 -35.05 -6.98
CA GLN D 121 -4.74 -35.81 -5.78
C GLN D 121 -5.78 -36.88 -6.07
N ARG D 122 -6.73 -36.57 -6.93
CA ARG D 122 -7.81 -37.48 -7.26
C ARG D 122 -7.33 -38.57 -8.16
N LEU D 123 -6.79 -38.19 -9.31
CA LEU D 123 -6.29 -39.18 -10.24
C LEU D 123 -5.03 -39.83 -9.67
N ARG D 124 -4.85 -39.64 -8.36
CA ARG D 124 -3.75 -40.19 -7.60
C ARG D 124 -4.06 -41.67 -7.37
N SER D 125 -4.66 -41.96 -6.22
CA SER D 125 -5.01 -43.33 -5.82
C SER D 125 -5.80 -44.11 -6.87
N ARG D 126 -6.86 -43.49 -7.35
CA ARG D 126 -7.76 -44.08 -8.33
C ARG D 126 -7.21 -43.78 -9.77
N PRO D 127 -7.87 -44.29 -10.84
CA PRO D 127 -7.45 -44.07 -12.23
C PRO D 127 -7.19 -42.66 -12.84
N GLN D 128 -6.51 -42.69 -13.99
CA GLN D 128 -5.99 -41.57 -14.82
C GLN D 128 -6.71 -40.32 -15.32
N GLY D 129 -8.01 -40.37 -15.61
CA GLY D 129 -8.64 -39.17 -16.13
C GLY D 129 -9.89 -38.73 -15.41
N LEU D 130 -10.48 -37.67 -15.92
CA LEU D 130 -11.69 -37.07 -15.38
C LEU D 130 -12.70 -36.87 -16.51
N THR D 131 -13.90 -37.43 -16.37
CA THR D 131 -14.92 -37.23 -17.39
C THR D 131 -15.41 -35.79 -17.20
N GLU D 132 -16.23 -35.26 -18.10
CA GLU D 132 -16.72 -33.88 -17.97
C GLU D 132 -17.43 -33.60 -16.64
N ALA D 133 -18.22 -34.58 -16.19
CA ALA D 133 -18.91 -34.44 -14.92
C ALA D 133 -17.81 -34.22 -13.86
N GLU D 134 -16.84 -35.12 -13.86
CA GLU D 134 -15.70 -35.06 -12.95
C GLU D 134 -14.86 -33.77 -12.95
N GLN D 135 -14.72 -33.11 -14.09
CA GLN D 135 -13.93 -31.88 -14.15
C GLN D 135 -14.79 -30.71 -13.65
N ARG D 136 -16.10 -30.89 -13.70
CA ARG D 136 -17.04 -29.85 -13.25
C ARG D 136 -17.09 -29.83 -11.72
N GLU D 137 -17.13 -31.00 -11.09
CA GLU D 137 -17.18 -31.09 -9.64
C GLU D 137 -15.86 -30.65 -9.02
N LEU D 138 -14.80 -30.71 -9.82
CA LEU D 138 -13.46 -30.29 -9.39
C LEU D 138 -13.41 -28.79 -9.20
N GLU D 139 -13.99 -28.06 -10.15
CA GLU D 139 -14.02 -26.62 -10.08
C GLU D 139 -15.00 -26.10 -9.03
N GLN D 140 -15.71 -26.99 -8.34
CA GLN D 140 -16.63 -26.53 -7.29
C GLN D 140 -15.91 -26.62 -5.93
N GLU D 141 -15.23 -27.74 -5.71
CA GLU D 141 -14.48 -27.94 -4.47
C GLU D 141 -13.17 -27.15 -4.53
N ALA D 142 -13.14 -26.13 -5.38
CA ALA D 142 -12.00 -25.24 -5.56
C ALA D 142 -12.60 -23.86 -5.55
N LYS D 143 -13.88 -23.77 -5.88
CA LYS D 143 -14.53 -22.48 -5.82
C LYS D 143 -14.92 -22.32 -4.35
N GLU D 144 -15.47 -23.40 -3.78
CA GLU D 144 -15.91 -23.44 -2.39
C GLU D 144 -14.77 -23.85 -1.47
N LEU D 145 -13.58 -23.94 -2.03
CA LEU D 145 -12.43 -24.26 -1.22
C LEU D 145 -11.74 -22.90 -1.01
N LYS D 146 -11.79 -22.07 -2.06
CA LYS D 146 -11.20 -20.74 -2.10
C LYS D 146 -11.81 -19.91 -0.96
N LYS D 147 -13.13 -19.87 -0.94
CA LYS D 147 -13.91 -19.11 0.03
C LYS D 147 -13.60 -19.41 1.49
N VAL D 148 -13.07 -20.60 1.79
CA VAL D 148 -12.74 -20.96 3.18
C VAL D 148 -11.24 -21.06 3.48
N MET D 149 -10.40 -20.96 2.45
CA MET D 149 -8.95 -21.06 2.65
C MET D 149 -8.20 -19.77 3.04
N ASP D 150 -7.51 -19.84 4.18
CA ASP D 150 -6.72 -18.73 4.71
C ASP D 150 -5.37 -18.73 4.04
N LEU D 151 -5.13 -17.77 3.18
CA LEU D 151 -3.87 -17.73 2.48
C LEU D 151 -2.70 -17.14 3.28
N SER D 152 -2.92 -16.83 4.57
CA SER D 152 -1.86 -16.26 5.39
C SER D 152 -1.29 -17.20 6.46
N ILE D 153 -1.79 -18.44 6.48
CA ILE D 153 -1.36 -19.45 7.44
C ILE D 153 -1.24 -20.81 6.74
N VAL D 154 -0.13 -21.49 6.94
CA VAL D 154 0.07 -22.80 6.36
C VAL D 154 0.67 -23.65 7.45
N ARG D 155 0.62 -24.97 7.30
CA ARG D 155 1.25 -25.88 8.26
C ARG D 155 2.14 -26.82 7.43
N LEU D 156 3.28 -27.25 7.98
CA LEU D 156 4.17 -28.18 7.27
C LEU D 156 3.80 -29.64 7.58
N ARG D 157 3.71 -30.46 6.55
CA ARG D 157 3.38 -31.88 6.73
C ARG D 157 4.53 -32.75 6.26
N PHE D 158 4.96 -33.63 7.16
CA PHE D 158 6.06 -34.55 6.92
C PHE D 158 5.52 -35.98 6.86
N SER D 159 5.59 -36.53 5.65
CA SER D 159 5.12 -37.90 5.36
C SER D 159 6.35 -38.77 5.05
N ALA D 160 6.68 -39.69 5.95
CA ALA D 160 7.84 -40.56 5.77
C ALA D 160 7.46 -41.93 5.15
N PHE D 161 8.37 -42.47 4.32
CA PHE D 161 8.14 -43.75 3.64
C PHE D 161 9.37 -44.67 3.61
N LEU D 162 9.28 -45.75 4.39
CA LEU D 162 10.32 -46.76 4.51
C LEU D 162 10.23 -47.63 3.26
N ARG D 163 11.39 -47.96 2.70
CA ARG D 163 11.45 -48.74 1.46
C ARG D 163 11.23 -50.20 1.71
N SER D 164 6.02 -47.26 -1.56
CA SER D 164 6.67 -47.38 -0.26
C SER D 164 5.68 -47.41 0.93
N LEU D 165 6.19 -47.86 2.07
CA LEU D 165 5.40 -48.02 3.29
C LEU D 165 5.30 -46.71 4.04
N PRO D 166 4.08 -46.18 4.24
CA PRO D 166 3.84 -44.90 4.93
C PRO D 166 3.79 -44.88 6.45
N LEU D 167 4.53 -43.97 7.07
CA LEU D 167 4.50 -43.79 8.54
C LEU D 167 3.49 -42.68 8.69
N LYS D 168 2.77 -42.62 9.81
CA LYS D 168 1.77 -41.57 10.01
C LYS D 168 2.34 -40.13 9.83
N PRO D 169 1.64 -39.29 9.02
CA PRO D 169 2.08 -37.92 8.77
C PRO D 169 2.04 -37.13 10.05
N VAL D 170 3.09 -36.31 10.27
CA VAL D 170 3.25 -35.44 11.46
C VAL D 170 3.14 -33.97 11.00
N ILE D 171 2.14 -33.26 11.55
CA ILE D 171 1.93 -31.88 11.17
C ILE D 171 2.51 -30.90 12.19
N SER D 172 3.21 -29.90 11.68
CA SER D 172 3.83 -28.87 12.51
C SER D 172 2.80 -27.83 12.93
N GLN D 173 3.24 -26.91 13.77
CA GLN D 173 2.42 -25.83 14.28
C GLN D 173 2.23 -24.83 13.14
N PRO D 174 1.20 -23.97 13.21
CA PRO D 174 0.99 -22.99 12.13
C PRO D 174 2.16 -22.01 11.83
N ILE D 175 2.28 -21.60 10.57
CA ILE D 175 3.31 -20.63 10.15
C ILE D 175 2.56 -19.45 9.57
N HIS D 176 2.76 -18.26 10.11
CA HIS D 176 2.04 -17.08 9.61
C HIS D 176 2.86 -16.20 8.66
N ASP D 177 2.16 -15.60 7.69
CA ASP D 177 2.76 -14.70 6.69
C ASP D 177 3.08 -13.34 7.31
N SER D 178 4.38 -13.02 7.40
CA SER D 178 4.88 -11.76 7.97
C SER D 178 4.69 -10.53 7.08
N LYS D 179 3.95 -10.68 6.00
CA LYS D 179 3.70 -9.59 5.07
C LYS D 179 2.24 -9.29 5.16
N SER D 180 1.46 -10.32 5.46
CA SER D 180 0.02 -10.19 5.60
C SER D 180 -0.20 -9.14 6.71
N PRO D 181 -1.13 -8.20 6.51
CA PRO D 181 -1.46 -7.13 7.45
C PRO D 181 -1.68 -7.60 8.89
N GLY D 182 -2.41 -8.71 9.04
CA GLY D 182 -2.72 -9.27 10.35
C GLY D 182 -1.70 -10.18 11.01
N ALA D 183 -0.49 -10.26 10.45
CA ALA D 183 0.57 -11.10 11.02
C ALA D 183 1.94 -10.45 10.87
N SER D 184 1.92 -9.14 10.68
CA SER D 184 3.12 -8.33 10.52
C SER D 184 3.85 -8.19 11.87
N ASN D 185 5.14 -7.93 11.84
CA ASN D 185 5.92 -7.74 13.05
C ASN D 185 5.50 -6.44 13.73
N LEU D 186 5.08 -6.50 14.99
CA LEU D 186 4.69 -5.28 15.72
C LEU D 186 5.92 -4.55 16.30
N LYS D 187 6.04 -3.26 16.00
CA LYS D 187 7.17 -2.45 16.50
C LYS D 187 6.79 -0.99 16.86
N ILE D 188 7.30 -0.55 18.01
CA ILE D 188 7.10 0.81 18.51
C ILE D 188 8.35 1.57 18.09
N SER D 189 8.20 2.43 17.10
CA SER D 189 9.32 3.21 16.60
C SER D 189 9.75 4.33 17.55
N ARG D 190 8.90 5.36 17.67
CA ARG D 190 9.15 6.53 18.53
C ARG D 190 7.90 6.85 19.31
N MET D 191 8.09 7.58 20.41
CA MET D 191 7.01 7.98 21.27
C MET D 191 7.15 9.44 21.67
N ASP D 192 6.04 10.12 21.58
CA ASP D 192 5.82 11.51 21.94
C ASP D 192 6.47 11.94 23.22
N LYS D 193 5.96 11.32 24.27
CA LYS D 193 6.39 11.59 25.63
C LYS D 193 6.42 10.27 26.34
N THR D 194 7.36 10.16 27.26
CA THR D 194 7.59 8.97 28.04
C THR D 194 7.28 9.17 29.51
N ALA D 195 6.54 10.21 29.82
CA ALA D 195 6.18 10.46 31.22
C ALA D 195 4.88 11.22 31.23
N GLY D 196 4.17 11.17 32.34
CA GLY D 196 2.90 11.88 32.48
C GLY D 196 2.39 11.73 33.90
N SER D 197 1.21 12.26 34.19
CA SER D 197 0.64 12.15 35.54
C SER D 197 0.05 10.78 35.83
N VAL D 198 -0.05 10.46 37.11
CA VAL D 198 -0.63 9.18 37.52
C VAL D 198 -2.11 9.07 37.13
N ARG D 199 -2.81 10.20 36.97
CA ARG D 199 -4.23 10.20 36.60
C ARG D 199 -4.47 9.60 35.23
N GLY D 200 -3.39 9.57 34.45
CA GLY D 200 -3.48 9.09 33.08
C GLY D 200 -4.19 10.22 32.36
N GLY D 201 -4.57 9.97 31.10
CA GLY D 201 -5.30 10.93 30.31
C GLY D 201 -4.41 11.83 29.50
N ASP D 202 -3.11 11.54 29.51
CA ASP D 202 -2.14 12.30 28.76
C ASP D 202 -2.15 11.80 27.35
N GLU D 203 -2.23 12.72 26.40
CA GLU D 203 -2.23 12.35 24.99
C GLU D 203 -0.80 12.03 24.51
N VAL D 204 -0.66 10.89 23.85
CA VAL D 204 0.59 10.39 23.30
C VAL D 204 0.48 10.09 21.81
N TYR D 205 1.52 10.48 21.07
CA TYR D 205 1.66 10.25 19.64
C TYR D 205 2.75 9.19 19.50
N LEU D 206 2.33 7.95 19.30
CA LEU D 206 3.22 6.82 19.11
C LEU D 206 3.26 6.52 17.62
N LEU D 207 4.46 6.33 17.10
CA LEU D 207 4.63 6.02 15.69
C LEU D 207 5.08 4.58 15.72
N CYS D 208 4.47 3.77 14.87
CA CYS D 208 4.77 2.35 14.85
C CYS D 208 4.82 1.77 13.45
N ASP D 209 5.09 0.48 13.37
CA ASP D 209 5.08 -0.28 12.11
C ASP D 209 3.60 -0.62 11.84
N LYS D 210 3.21 -0.82 10.58
CA LYS D 210 1.80 -1.10 10.26
C LYS D 210 1.01 -1.96 11.27
N VAL D 211 -0.17 -1.46 11.59
CA VAL D 211 -1.12 -2.13 12.49
C VAL D 211 -2.46 -2.00 11.80
N GLN D 212 -3.46 -2.74 12.25
CA GLN D 212 -4.78 -2.61 11.67
C GLN D 212 -5.58 -1.94 12.79
N LYS D 213 -6.19 -0.81 12.48
CA LYS D 213 -6.93 -0.02 13.45
C LYS D 213 -7.93 -0.76 14.30
N ASP D 214 -8.57 -1.79 13.76
CA ASP D 214 -9.51 -2.52 14.59
C ASP D 214 -8.98 -3.77 15.29
N ASP D 215 -7.66 -3.99 15.17
CA ASP D 215 -6.97 -5.13 15.78
C ASP D 215 -5.67 -4.76 16.53
N ILE D 216 -5.63 -3.57 17.11
CA ILE D 216 -4.42 -3.16 17.81
C ILE D 216 -4.73 -2.54 19.15
N GLU D 217 -3.84 -2.76 20.12
CA GLU D 217 -3.98 -2.16 21.44
C GLU D 217 -2.63 -1.79 22.05
N VAL D 218 -2.64 -0.73 22.86
CA VAL D 218 -1.44 -0.26 23.55
C VAL D 218 -1.63 -0.65 25.02
N ARG D 219 -0.92 -1.70 25.40
CA ARG D 219 -0.99 -2.26 26.72
C ARG D 219 0.12 -1.80 27.70
N PHE D 220 -0.26 -1.07 28.77
CA PHE D 220 0.69 -0.64 29.80
C PHE D 220 0.66 -1.75 30.83
N TYR D 221 1.80 -2.04 31.47
CA TYR D 221 1.83 -3.11 32.45
C TYR D 221 3.11 -3.10 33.27
N GLU D 222 3.10 -3.93 34.31
CA GLU D 222 4.23 -4.13 35.22
C GLU D 222 4.16 -5.56 35.78
N ASP D 223 5.30 -6.22 35.92
CA ASP D 223 5.34 -7.59 36.40
C ASP D 223 6.14 -7.95 37.67
N ASP D 224 5.48 -7.80 38.80
CA ASP D 224 6.06 -8.17 40.08
C ASP D 224 5.34 -9.49 40.35
N GLU D 225 5.26 -9.88 41.62
CA GLU D 225 4.58 -11.12 42.02
C GLU D 225 3.05 -10.92 41.91
N ASN D 226 2.62 -9.77 41.42
CA ASN D 226 1.19 -9.45 41.27
C ASN D 226 0.86 -9.13 39.83
N GLY D 227 1.18 -7.91 39.39
CA GLY D 227 0.91 -7.56 38.01
C GLY D 227 -0.29 -6.66 37.82
N TRP D 228 -0.15 -5.74 36.87
CA TRP D 228 -1.18 -4.76 36.55
C TRP D 228 -1.11 -4.44 35.06
N GLN D 229 -2.27 -4.17 34.46
CA GLN D 229 -2.32 -3.81 33.05
C GLN D 229 -3.43 -2.79 32.83
N ALA D 230 -3.26 -1.98 31.79
CA ALA D 230 -4.25 -1.00 31.42
C ALA D 230 -4.01 -0.75 29.94
N PHE D 231 -4.96 -0.07 29.30
CA PHE D 231 -4.86 0.15 27.87
C PHE D 231 -5.04 1.60 27.48
N GLY D 232 -4.17 2.09 26.60
CA GLY D 232 -4.29 3.46 26.12
C GLY D 232 -5.65 3.60 25.45
N ASP D 233 -6.29 4.75 25.60
CA ASP D 233 -7.61 4.98 25.01
C ASP D 233 -7.56 5.74 23.69
N PHE D 234 -8.20 5.18 22.67
CA PHE D 234 -8.24 5.85 21.40
C PHE D 234 -9.39 5.26 20.57
N SER D 235 -9.72 5.91 19.46
CA SER D 235 -10.77 5.47 18.57
C SER D 235 -10.06 5.07 17.26
N PRO D 236 -10.79 4.43 16.31
CA PRO D 236 -10.19 4.01 15.03
C PRO D 236 -9.70 5.19 14.23
N THR D 237 -10.26 6.37 14.53
CA THR D 237 -9.92 7.64 13.88
C THR D 237 -8.53 8.13 14.35
N ASP D 238 -8.13 7.63 15.52
CA ASP D 238 -6.86 7.94 16.15
C ASP D 238 -5.68 7.15 15.61
N VAL D 239 -5.95 6.08 14.88
CA VAL D 239 -4.85 5.33 14.29
C VAL D 239 -4.66 5.94 12.88
N HIS D 240 -3.63 6.77 12.78
CA HIS D 240 -3.30 7.45 11.53
C HIS D 240 -2.66 6.58 10.42
N LYS D 241 -3.41 6.30 9.36
CA LYS D 241 -2.91 5.55 8.22
C LYS D 241 -2.13 4.26 8.55
N GLN D 242 -2.53 3.54 9.59
CA GLN D 242 -1.85 2.29 10.00
C GLN D 242 -0.44 2.44 10.58
N TYR D 243 0.12 3.66 10.60
CA TYR D 243 1.49 3.85 11.08
C TYR D 243 1.70 4.78 12.26
N ALA D 244 0.61 5.17 12.90
CA ALA D 244 0.68 6.03 14.04
C ALA D 244 -0.58 5.86 14.87
N ILE D 245 -0.44 5.98 16.17
CA ILE D 245 -1.58 5.89 17.07
C ILE D 245 -1.51 7.08 18.04
N VAL D 246 -2.57 7.87 18.08
CA VAL D 246 -2.71 9.02 19.00
C VAL D 246 -3.62 8.52 20.14
N PHE D 247 -3.10 8.38 21.35
CA PHE D 247 -3.95 7.87 22.42
C PHE D 247 -3.76 8.55 23.74
N ARG D 248 -4.72 8.38 24.65
CA ARG D 248 -4.60 8.96 25.99
C ARG D 248 -4.18 7.81 26.89
N THR D 249 -3.14 8.05 27.68
CA THR D 249 -2.59 7.06 28.59
C THR D 249 -3.63 6.64 29.64
N PRO D 250 -3.49 5.43 30.20
CA PRO D 250 -4.46 5.02 31.20
C PRO D 250 -3.91 5.37 32.58
N PRO D 251 -4.78 5.41 33.60
CA PRO D 251 -4.27 5.71 34.93
C PRO D 251 -3.45 4.54 35.52
N TYR D 252 -2.53 4.87 36.42
CA TYR D 252 -1.70 3.89 37.12
C TYR D 252 -2.66 3.39 38.23
N HIS D 253 -2.40 2.23 38.83
CA HIS D 253 -3.29 1.71 39.87
C HIS D 253 -3.27 2.46 41.22
N LYS D 254 -2.10 2.94 41.64
CA LYS D 254 -2.03 3.70 42.89
C LYS D 254 -1.94 5.19 42.52
N MET D 255 -2.87 6.01 43.02
CA MET D 255 -2.84 7.44 42.72
C MET D 255 -1.90 8.15 43.66
N LYS D 256 -1.91 7.70 44.90
CA LYS D 256 -1.08 8.34 45.91
C LYS D 256 0.42 7.95 45.93
N ILE D 257 1.09 7.93 44.78
CA ILE D 257 2.52 7.60 44.78
C ILE D 257 3.34 8.83 45.18
N GLU D 258 4.29 8.63 46.06
CA GLU D 258 5.10 9.75 46.50
C GLU D 258 6.27 9.99 45.57
N ARG D 259 6.68 8.95 44.86
CA ARG D 259 7.80 9.01 43.88
C ARG D 259 7.29 8.63 42.47
N PRO D 260 8.07 8.93 41.40
CA PRO D 260 7.68 8.61 40.02
C PRO D 260 7.88 7.10 39.72
N VAL D 261 6.93 6.44 39.06
CA VAL D 261 7.12 5.02 38.76
C VAL D 261 7.21 4.78 37.26
N THR D 262 8.10 3.88 36.86
CA THR D 262 8.29 3.54 35.44
C THR D 262 7.66 2.17 35.16
N VAL D 263 6.77 2.13 34.19
CA VAL D 263 6.07 0.91 33.76
C VAL D 263 6.46 0.58 32.29
N PHE D 264 5.98 -0.56 31.78
CA PHE D 264 6.27 -0.96 30.40
C PHE D 264 5.02 -0.77 29.57
N LEU D 265 5.22 -0.60 28.28
CA LEU D 265 4.09 -0.51 27.37
C LEU D 265 4.49 -1.28 26.10
N GLN D 266 3.50 -1.89 25.47
CA GLN D 266 3.72 -2.68 24.27
C GLN D 266 2.47 -2.59 23.40
N LEU D 267 2.66 -2.81 22.09
CA LEU D 267 1.57 -2.87 21.12
C LEU D 267 1.15 -4.34 21.17
N LYS D 268 -0.13 -4.60 21.03
CA LYS D 268 -0.63 -5.97 21.10
C LYS D 268 -1.82 -6.06 20.15
N ARG D 269 -1.93 -7.14 19.40
CA ARG D 269 -3.09 -7.29 18.53
C ARG D 269 -4.10 -8.07 19.37
N LYS D 270 -5.30 -7.50 19.52
CA LYS D 270 -6.39 -8.07 20.31
C LYS D 270 -6.54 -9.58 20.16
N ARG D 271 -6.51 -10.03 18.89
CA ARG D 271 -6.65 -11.44 18.51
C ARG D 271 -5.43 -12.33 18.80
N GLY D 272 -4.39 -12.10 17.99
CA GLY D 272 -3.16 -12.87 18.08
C GLY D 272 -2.44 -13.05 19.40
N GLY D 273 -2.45 -12.05 20.29
CA GLY D 273 -1.72 -12.19 21.55
C GLY D 273 -0.25 -11.95 21.24
N ASP D 274 -0.04 -11.47 20.01
CA ASP D 274 1.26 -11.12 19.49
C ASP D 274 1.57 -9.74 20.09
N VAL D 275 2.84 -9.47 20.43
CA VAL D 275 3.23 -8.19 20.99
C VAL D 275 4.48 -7.56 20.35
N SER D 276 4.71 -6.28 20.64
CA SER D 276 5.93 -5.66 20.13
C SER D 276 6.94 -5.72 21.27
N ASP D 277 8.16 -5.27 21.02
CA ASP D 277 9.13 -5.25 22.11
C ASP D 277 8.59 -4.15 23.01
N SER D 278 9.05 -4.08 24.25
CA SER D 278 8.53 -3.07 25.15
C SER D 278 9.30 -1.76 25.28
N LYS D 279 8.53 -0.69 25.45
CA LYS D 279 9.08 0.66 25.70
C LYS D 279 8.62 1.01 27.13
N GLN D 280 9.06 2.15 27.64
CA GLN D 280 8.71 2.56 28.99
C GLN D 280 8.04 3.92 29.09
N PHE D 281 7.26 4.07 30.16
CA PHE D 281 6.54 5.30 30.43
C PHE D 281 6.62 5.51 31.95
N THR D 282 6.77 6.75 32.39
CA THR D 282 6.88 7.03 33.83
C THR D 282 5.71 7.88 34.32
N TYR D 283 5.03 7.40 35.36
CA TYR D 283 3.93 8.14 35.95
C TYR D 283 4.46 9.11 37.04
N TYR D 284 3.98 10.34 37.04
CA TYR D 284 4.45 11.29 38.04
C TYR D 284 3.38 11.57 39.08
N PRO D 285 3.77 11.70 40.37
CA PRO D 285 2.93 11.97 41.54
C PRO D 285 1.74 12.89 41.27
#